data_2G2I
#
_entry.id   2G2I
#
_cell.length_a   88.457
_cell.length_b   88.457
_cell.length_c   235.625
_cell.angle_alpha   90.00
_cell.angle_beta   90.00
_cell.angle_gamma   90.00
#
_symmetry.space_group_name_H-M   'P 41 21 2'
#
loop_
_entity.id
_entity.type
_entity.pdbx_description
1 polymer 'Abl Tyrosine Kinase'
2 polymer 'ATP-Peptide Conjugate'
3 non-polymer "ADENOSINE-5'-DIPHOSPHATE"
#
loop_
_entity_poly.entity_id
_entity_poly.type
_entity_poly.pdbx_seq_one_letter_code
_entity_poly.pdbx_strand_id
1 'polypeptide(L)'
;GHMSPNYDKWEMERTDITMKHKLGGGQYGEVYEGVWKKYSLTVAVKTLKEDTMEVEEFLKEAAVMKEIKHPNLVQLLGVC
TREPPFYIITEFMTYGNLLDYLRECNRQEVNAVVLLYMATQISSAMEYLEKKNFIHRDLAARNCLVGENHLVKVADFGLS
RLMTGDTYTAPAGAKFPIKWTAPESLAYNKFSIKSDVWAFGVLLWEIATYGMSPYPGIDLSQVYELLEKDYRMERPEGCP
EKVYELMRACWQWNPSDRPSFAEIHQAFETMFQESSISDEVEKELGK
;
A,B
2 'polypeptide(L)' AEEEIFGEFEAKK C,D
#
loop_
_chem_comp.id
_chem_comp.type
_chem_comp.name
_chem_comp.formula
ADP non-polymer ADENOSINE-5'-DIPHOSPHATE 'C10 H15 N5 O10 P2'
#
# COMPACT_ATOMS: atom_id res chain seq x y z
N SER A 4 -0.05 23.98 -8.83
CA SER A 4 -1.00 24.20 -9.97
C SER A 4 -2.28 24.92 -9.55
N PRO A 5 -2.16 25.95 -8.71
CA PRO A 5 -3.37 26.67 -8.27
C PRO A 5 -4.04 27.61 -9.28
N ASN A 6 -5.07 28.25 -8.74
CA ASN A 6 -5.95 29.18 -9.43
C ASN A 6 -5.32 30.31 -10.23
N TYR A 7 -5.55 31.55 -9.79
CA TYR A 7 -5.06 32.74 -10.47
C TYR A 7 -3.56 33.09 -10.33
N ASP A 8 -2.79 32.28 -9.61
CA ASP A 8 -1.36 32.54 -9.45
C ASP A 8 -0.61 31.25 -9.07
N LYS A 9 0.72 31.27 -9.18
CA LYS A 9 1.54 30.10 -8.88
C LYS A 9 1.17 29.41 -7.56
N TRP A 10 1.22 30.11 -6.44
CA TRP A 10 0.83 29.49 -5.17
C TRP A 10 -0.22 30.33 -4.43
N GLU A 11 -0.56 31.49 -4.98
CA GLU A 11 -1.54 32.33 -4.31
C GLU A 11 -2.96 31.87 -4.55
N MET A 12 -3.65 31.61 -3.45
CA MET A 12 -5.03 31.16 -3.49
C MET A 12 -5.92 32.28 -3.02
N GLU A 13 -6.97 32.56 -3.78
CA GLU A 13 -7.93 33.58 -3.40
C GLU A 13 -8.69 32.92 -2.24
N ARG A 14 -9.07 33.66 -1.21
CA ARG A 14 -9.79 33.03 -0.09
C ARG A 14 -11.10 32.39 -0.61
N THR A 15 -11.49 32.81 -1.82
CA THR A 15 -12.70 32.35 -2.48
C THR A 15 -12.66 30.96 -3.12
N ASP A 16 -11.50 30.52 -3.60
CA ASP A 16 -11.45 29.21 -4.24
C ASP A 16 -11.63 28.05 -3.25
N ILE A 17 -11.52 28.36 -1.96
CA ILE A 17 -11.64 27.35 -0.92
C ILE A 17 -12.96 27.53 -0.21
N THR A 18 -13.63 26.43 0.10
CA THR A 18 -14.89 26.46 0.83
C THR A 18 -14.63 25.67 2.09
N MET A 19 -14.40 26.38 3.20
CA MET A 19 -14.11 25.74 4.49
C MET A 19 -15.22 24.78 4.94
N LYS A 20 -14.85 23.66 5.55
CA LYS A 20 -15.84 22.69 5.99
C LYS A 20 -15.97 22.50 7.51
N HIS A 21 -14.86 22.54 8.25
CA HIS A 21 -14.95 22.38 9.71
C HIS A 21 -13.61 22.10 10.38
N LYS A 22 -13.46 22.57 11.62
CA LYS A 22 -12.25 22.40 12.40
C LYS A 22 -11.87 20.92 12.45
N LEU A 23 -10.56 20.70 12.56
CA LEU A 23 -9.97 19.37 12.67
C LEU A 23 -8.88 19.39 13.77
N GLY A 24 -8.15 20.52 13.93
CA GLY A 24 -7.11 20.61 14.92
C GLY A 24 -6.87 21.91 15.74
N GLY A 25 -6.13 21.83 16.87
CA GLY A 25 -5.79 23.03 17.67
C GLY A 25 -4.52 23.61 17.07
N GLY A 29 -3.04 27.81 14.25
CA GLY A 29 -3.13 26.90 15.35
C GLY A 29 -4.41 26.05 15.19
N GLU A 30 -5.18 26.42 14.18
CA GLU A 30 -6.39 25.78 13.72
C GLU A 30 -6.11 25.25 12.34
N VAL A 31 -6.66 24.07 12.07
CA VAL A 31 -6.55 23.40 10.79
C VAL A 31 -7.90 22.85 10.37
N TYR A 32 -8.40 23.33 9.25
CA TYR A 32 -9.70 22.86 8.77
C TYR A 32 -9.67 21.97 7.53
N GLU A 33 -10.80 21.35 7.24
CA GLU A 33 -10.94 20.54 6.02
C GLU A 33 -11.73 21.44 5.12
N GLY A 34 -11.38 21.51 3.85
CA GLY A 34 -12.11 22.37 2.96
C GLY A 34 -12.22 21.68 1.62
N VAL A 35 -12.81 22.39 0.67
CA VAL A 35 -12.96 21.87 -0.65
C VAL A 35 -12.49 22.98 -1.58
N TRP A 36 -11.46 22.65 -2.35
CA TRP A 36 -10.85 23.56 -3.31
C TRP A 36 -11.64 23.39 -4.60
N LYS A 37 -12.38 24.43 -4.95
CA LYS A 37 -13.22 24.43 -6.13
C LYS A 37 -12.62 24.08 -7.49
N LYS A 38 -11.66 24.85 -7.99
CA LYS A 38 -11.09 24.58 -9.31
C LYS A 38 -10.99 23.10 -9.65
N TYR A 39 -10.86 22.24 -8.64
CA TYR A 39 -10.76 20.81 -8.87
C TYR A 39 -11.68 20.02 -7.96
N SER A 40 -12.46 20.71 -7.14
CA SER A 40 -13.38 20.05 -6.20
C SER A 40 -12.62 19.05 -5.39
N LEU A 41 -11.39 19.39 -5.07
CA LEU A 41 -10.52 18.52 -4.30
C LEU A 41 -10.72 18.87 -2.85
N THR A 42 -10.65 17.86 -1.98
CA THR A 42 -10.76 18.10 -0.56
C THR A 42 -9.34 18.41 -0.15
N VAL A 43 -9.18 19.50 0.60
CA VAL A 43 -7.86 19.91 1.03
C VAL A 43 -7.85 20.18 2.51
N ALA A 44 -6.66 20.27 3.08
CA ALA A 44 -6.51 20.57 4.48
C ALA A 44 -6.07 22.02 4.50
N VAL A 45 -6.55 22.79 5.47
CA VAL A 45 -6.18 24.19 5.51
C VAL A 45 -5.68 24.58 6.89
N LYS A 46 -4.39 24.89 6.99
CA LYS A 46 -3.79 25.29 8.25
C LYS A 46 -3.96 26.79 8.38
N THR A 47 -4.45 27.22 9.54
CA THR A 47 -4.69 28.64 9.81
C THR A 47 -3.81 29.22 10.91
N LEU A 48 -3.59 30.53 10.84
CA LEU A 48 -2.76 31.20 11.83
C LEU A 48 -3.58 32.03 12.81
N LYS A 49 -3.21 31.92 14.09
CA LYS A 49 -3.87 32.67 15.17
C LYS A 49 -3.72 34.17 14.87
N GLU A 50 -4.77 34.76 14.33
CA GLU A 50 -4.81 36.19 13.93
C GLU A 50 -3.91 37.21 14.61
N ASP A 51 -3.53 36.96 15.87
CA ASP A 51 -2.67 37.91 16.56
C ASP A 51 -1.58 37.27 17.42
N THR A 52 -0.43 37.09 16.80
CA THR A 52 0.77 36.52 17.40
C THR A 52 1.83 36.78 16.33
N MET A 53 2.93 37.43 16.72
CA MET A 53 4.01 37.74 15.78
C MET A 53 4.50 36.49 15.05
N GLU A 54 3.64 35.91 14.23
CA GLU A 54 3.98 34.69 13.50
C GLU A 54 4.07 34.91 11.99
N VAL A 55 3.33 35.88 11.47
CA VAL A 55 3.32 36.16 10.03
C VAL A 55 4.64 35.80 9.35
N GLU A 56 5.75 36.04 10.02
CA GLU A 56 7.07 35.71 9.47
C GLU A 56 7.28 34.22 9.69
N GLU A 57 7.28 33.81 10.96
CA GLU A 57 7.49 32.42 11.33
C GLU A 57 6.52 31.47 10.63
N PHE A 58 5.22 31.71 10.81
CA PHE A 58 4.20 30.87 10.19
C PHE A 58 4.52 30.68 8.72
N LEU A 59 4.71 31.77 7.99
CA LEU A 59 5.01 31.73 6.57
C LEU A 59 6.25 30.95 6.14
N LYS A 60 7.24 30.83 7.03
CA LYS A 60 8.47 30.09 6.71
C LYS A 60 8.16 28.62 6.37
N GLU A 61 7.14 28.08 7.02
CA GLU A 61 6.72 26.70 6.80
C GLU A 61 6.28 26.50 5.35
N ALA A 62 5.43 27.40 4.88
CA ALA A 62 4.90 27.36 3.53
C ALA A 62 5.97 27.62 2.48
N ALA A 63 7.18 27.93 2.94
CA ALA A 63 8.28 28.22 2.03
C ALA A 63 9.22 27.04 1.92
N VAL A 64 9.37 26.32 3.02
CA VAL A 64 10.19 25.13 3.03
C VAL A 64 9.50 24.14 2.07
N MET A 65 8.18 24.17 2.10
CA MET A 65 7.36 23.29 1.28
C MET A 65 7.40 23.52 -0.23
N LYS A 66 7.35 24.77 -0.66
CA LYS A 66 7.36 25.04 -2.10
C LYS A 66 8.56 24.39 -2.78
N GLU A 67 9.59 24.13 -2.00
CA GLU A 67 10.82 23.54 -2.51
C GLU A 67 10.75 22.04 -2.75
N ILE A 68 10.23 21.29 -1.79
CA ILE A 68 10.16 19.84 -1.91
C ILE A 68 8.87 19.28 -2.54
N LYS A 69 9.01 18.12 -3.21
CA LYS A 69 7.91 17.42 -3.87
C LYS A 69 8.27 15.95 -3.96
N HIS A 70 7.65 15.13 -3.14
CA HIS A 70 7.89 13.69 -3.11
C HIS A 70 6.53 13.07 -2.82
N PRO A 71 6.29 11.83 -3.28
CA PRO A 71 5.04 11.09 -3.11
C PRO A 71 4.71 10.63 -1.70
N ASN A 72 5.62 10.83 -0.76
CA ASN A 72 5.37 10.45 0.63
C ASN A 72 5.56 11.64 1.55
N LEU A 73 5.51 12.81 0.96
CA LEU A 73 5.62 14.01 1.74
C LEU A 73 4.38 14.81 1.38
N VAL A 74 3.57 15.12 2.38
CA VAL A 74 2.33 15.88 2.18
C VAL A 74 2.59 17.07 1.27
N GLN A 75 1.76 17.18 0.24
CA GLN A 75 1.91 18.21 -0.78
C GLN A 75 1.33 19.58 -0.52
N LEU A 76 2.14 20.62 -0.65
CA LEU A 76 1.63 21.96 -0.47
C LEU A 76 0.90 22.25 -1.76
N LEU A 77 -0.25 22.92 -1.65
CA LEU A 77 -1.06 23.25 -2.82
C LEU A 77 -1.29 24.76 -2.96
N GLY A 78 -0.95 25.52 -1.93
CA GLY A 78 -1.14 26.95 -2.04
C GLY A 78 -1.13 27.64 -0.70
N VAL A 79 -1.08 28.97 -0.74
CA VAL A 79 -1.07 29.78 0.48
C VAL A 79 -1.87 31.07 0.27
N CYS A 80 -2.31 31.65 1.37
CA CYS A 80 -3.07 32.91 1.36
C CYS A 80 -2.24 33.87 2.19
N THR A 81 -1.73 34.93 1.57
CA THR A 81 -0.89 35.84 2.30
C THR A 81 -1.32 37.32 2.29
N ARG A 82 -1.75 37.81 1.14
CA ARG A 82 -2.15 39.21 1.02
C ARG A 82 -3.04 39.81 2.13
N GLU A 83 -3.98 39.04 2.69
CA GLU A 83 -4.84 39.55 3.76
C GLU A 83 -5.03 38.46 4.81
N PRO A 84 -5.41 38.82 6.05
CA PRO A 84 -5.59 37.80 7.08
C PRO A 84 -7.02 37.24 7.01
N PRO A 85 -7.26 36.01 7.55
CA PRO A 85 -6.29 35.12 8.20
C PRO A 85 -5.39 34.48 7.16
N PHE A 86 -4.21 34.07 7.58
CA PHE A 86 -3.29 33.47 6.64
C PHE A 86 -3.45 31.96 6.61
N TYR A 87 -3.68 31.45 5.41
CA TYR A 87 -3.88 30.03 5.16
C TYR A 87 -2.68 29.40 4.48
N ILE A 88 -2.60 28.11 4.59
CA ILE A 88 -1.63 27.29 3.97
C ILE A 88 -2.46 26.08 3.55
N ILE A 89 -2.61 25.84 2.27
CA ILE A 89 -3.42 24.72 1.84
C ILE A 89 -2.59 23.53 1.33
N THR A 90 -2.96 22.32 1.72
CA THR A 90 -2.24 21.13 1.29
C THR A 90 -3.21 19.99 0.96
N GLU A 91 -2.69 18.90 0.42
CA GLU A 91 -3.53 17.77 0.08
C GLU A 91 -4.10 17.23 1.36
N PHE A 92 -5.30 16.66 1.27
CA PHE A 92 -5.97 16.10 2.44
C PHE A 92 -5.59 14.64 2.61
N MET A 93 -5.52 14.17 3.85
CA MET A 93 -5.17 12.79 4.11
C MET A 93 -6.28 12.19 4.96
N THR A 94 -7.31 11.66 4.32
CA THR A 94 -8.52 11.13 4.96
C THR A 94 -8.42 10.41 6.32
N TYR A 95 -7.39 9.63 6.57
CA TYR A 95 -7.37 8.89 7.84
C TYR A 95 -6.65 9.54 9.01
N GLY A 96 -6.12 10.73 8.80
CA GLY A 96 -5.44 11.43 9.89
C GLY A 96 -4.08 10.88 10.28
N ASN A 97 -3.55 11.38 11.40
CA ASN A 97 -2.24 10.98 11.86
C ASN A 97 -2.05 9.48 12.14
N LEU A 98 -0.82 9.03 11.92
CA LEU A 98 -0.43 7.63 12.07
C LEU A 98 -0.53 7.11 13.49
N LEU A 99 -0.13 7.92 14.47
CA LEU A 99 -0.19 7.47 15.84
C LEU A 99 -1.60 7.06 16.16
N ASP A 100 -2.53 7.99 16.02
CA ASP A 100 -3.95 7.70 16.29
C ASP A 100 -4.40 6.46 15.54
N TYR A 101 -4.27 6.49 14.22
CA TYR A 101 -4.65 5.37 13.37
C TYR A 101 -4.17 4.07 13.97
N LEU A 102 -2.89 4.00 14.28
CA LEU A 102 -2.33 2.78 14.83
C LEU A 102 -3.05 2.30 16.08
N ARG A 103 -3.32 3.21 17.01
CA ARG A 103 -4.01 2.84 18.24
C ARG A 103 -5.38 2.26 17.96
N GLU A 104 -6.22 3.02 17.26
CA GLU A 104 -7.58 2.59 16.90
C GLU A 104 -7.64 1.36 15.97
N CYS A 105 -6.83 1.37 14.91
CA CYS A 105 -6.80 0.29 13.92
C CYS A 105 -7.06 -1.12 14.42
N ASN A 106 -7.38 -2.00 13.48
CA ASN A 106 -7.64 -3.41 13.77
C ASN A 106 -6.38 -4.21 13.43
N ARG A 107 -5.76 -4.81 14.45
CA ARG A 107 -4.53 -5.57 14.24
C ARG A 107 -4.60 -6.82 13.36
N GLN A 108 -5.66 -6.93 12.57
CA GLN A 108 -5.79 -8.07 11.65
C GLN A 108 -5.64 -7.50 10.25
N GLU A 109 -6.32 -6.38 10.01
CA GLU A 109 -6.27 -5.68 8.74
C GLU A 109 -4.89 -5.05 8.63
N VAL A 110 -4.27 -4.79 9.78
CA VAL A 110 -2.94 -4.21 9.84
C VAL A 110 -1.99 -5.29 10.30
N ASN A 111 -1.51 -6.09 9.36
CA ASN A 111 -0.59 -7.18 9.67
C ASN A 111 0.85 -6.70 9.67
N ALA A 112 1.75 -7.54 10.17
CA ALA A 112 3.16 -7.20 10.20
C ALA A 112 3.70 -7.35 8.79
N VAL A 113 3.43 -6.37 7.95
CA VAL A 113 3.87 -6.35 6.57
C VAL A 113 3.24 -5.05 6.06
N VAL A 114 2.13 -4.73 6.63
CA VAL A 114 1.49 -3.49 6.39
C VAL A 114 2.31 -2.49 7.20
N LEU A 115 2.79 -2.99 8.32
CA LEU A 115 3.63 -2.21 9.20
C LEU A 115 4.92 -1.92 8.48
N LEU A 116 5.54 -2.98 7.98
CA LEU A 116 6.79 -2.89 7.25
C LEU A 116 6.62 -1.92 6.08
N TYR A 117 5.46 -2.01 5.45
CA TYR A 117 5.11 -1.15 4.33
C TYR A 117 5.16 0.32 4.72
N MET A 118 4.64 0.63 5.91
CA MET A 118 4.61 2.01 6.39
C MET A 118 6.00 2.55 6.67
N ALA A 119 6.85 1.74 7.30
CA ALA A 119 8.22 2.14 7.59
C ALA A 119 8.98 2.49 6.30
N THR A 120 8.84 1.62 5.30
CA THR A 120 9.48 1.79 4.02
C THR A 120 9.01 3.08 3.38
N GLN A 121 7.70 3.35 3.42
CA GLN A 121 7.20 4.57 2.83
C GLN A 121 7.87 5.79 3.46
N ILE A 122 8.00 5.77 4.78
CA ILE A 122 8.61 6.89 5.50
C ILE A 122 10.10 6.94 5.24
N SER A 123 10.79 5.81 5.40
CA SER A 123 12.23 5.78 5.17
C SER A 123 12.52 6.39 3.79
N SER A 124 11.61 6.18 2.84
CA SER A 124 11.79 6.73 1.51
C SER A 124 11.72 8.25 1.45
N ALA A 125 10.77 8.84 2.18
CA ALA A 125 10.62 10.28 2.19
C ALA A 125 11.81 10.96 2.86
N MET A 126 12.49 10.23 3.73
CA MET A 126 13.64 10.75 4.43
C MET A 126 14.90 10.73 3.57
N GLU A 127 15.07 9.67 2.77
CA GLU A 127 16.24 9.59 1.90
C GLU A 127 16.16 10.76 0.95
N TYR A 128 14.95 11.07 0.50
CA TYR A 128 14.73 12.19 -0.40
C TYR A 128 15.06 13.49 0.30
N LEU A 129 14.53 13.63 1.50
CA LEU A 129 14.76 14.82 2.28
C LEU A 129 16.25 14.96 2.57
N GLU A 130 16.89 13.83 2.85
CA GLU A 130 18.32 13.77 3.15
C GLU A 130 19.10 14.43 1.99
N LYS A 131 18.85 13.96 0.76
CA LYS A 131 19.50 14.48 -0.43
C LYS A 131 19.22 15.98 -0.67
N LYS A 132 17.96 16.41 -0.58
CA LYS A 132 17.64 17.82 -0.78
C LYS A 132 18.29 18.62 0.35
N ASN A 133 18.85 17.90 1.32
CA ASN A 133 19.49 18.47 2.50
C ASN A 133 18.52 19.32 3.32
N PHE A 134 17.54 18.64 3.91
CA PHE A 134 16.51 19.25 4.76
C PHE A 134 16.44 18.44 6.05
N ILE A 135 16.12 19.10 7.14
CA ILE A 135 15.94 18.36 8.39
C ILE A 135 14.47 18.53 8.78
N HIS A 136 13.85 17.46 9.28
CA HIS A 136 12.46 17.55 9.71
C HIS A 136 12.56 17.59 11.23
N ARG A 137 12.79 18.76 11.78
CA ARG A 137 12.98 18.86 13.22
C ARG A 137 11.90 18.31 14.16
N ASP A 138 11.01 17.45 13.68
CA ASP A 138 9.97 16.89 14.55
C ASP A 138 9.32 15.67 13.91
N LEU A 139 10.15 14.65 13.68
CA LEU A 139 9.71 13.41 13.08
C LEU A 139 9.11 12.52 14.18
N ALA A 140 7.92 11.99 13.95
CA ALA A 140 7.24 11.12 14.91
C ALA A 140 5.87 10.74 14.34
N ALA A 141 5.26 9.67 14.84
CA ALA A 141 3.96 9.25 14.32
C ALA A 141 2.91 10.38 14.27
N ARG A 142 2.74 11.13 15.35
CA ARG A 142 1.77 12.23 15.37
C ARG A 142 1.93 13.23 14.19
N ASN A 143 2.98 13.11 13.40
CA ASN A 143 3.17 14.02 12.28
C ASN A 143 3.19 13.33 10.93
N CYS A 144 2.83 12.05 10.92
CA CYS A 144 2.71 11.28 9.69
C CYS A 144 1.21 11.18 9.43
N LEU A 145 0.78 11.28 8.16
CA LEU A 145 -0.65 11.17 7.86
C LEU A 145 -0.94 9.91 7.09
N VAL A 146 -2.20 9.51 7.05
CA VAL A 146 -2.56 8.28 6.35
C VAL A 146 -3.66 8.43 5.31
N GLY A 147 -3.53 7.64 4.25
CA GLY A 147 -4.49 7.65 3.17
C GLY A 147 -5.10 6.29 2.96
N GLU A 148 -5.53 6.05 1.72
CA GLU A 148 -6.16 4.78 1.37
C GLU A 148 -5.19 3.62 1.33
N ASN A 149 -5.64 2.48 1.82
CA ASN A 149 -4.81 1.28 1.80
C ASN A 149 -3.45 1.45 2.47
N HIS A 150 -3.45 2.11 3.63
CA HIS A 150 -2.23 2.30 4.43
C HIS A 150 -1.09 3.16 3.85
N LEU A 151 -1.45 4.07 2.95
CA LEU A 151 -0.49 4.96 2.34
C LEU A 151 -0.06 5.88 3.47
N VAL A 152 1.22 6.19 3.59
CA VAL A 152 1.63 7.08 4.66
C VAL A 152 2.37 8.29 4.13
N LYS A 153 2.13 9.46 4.69
CA LYS A 153 2.83 10.64 4.21
C LYS A 153 3.36 11.43 5.37
N VAL A 154 4.64 11.83 5.31
CA VAL A 154 5.24 12.62 6.37
C VAL A 154 4.71 14.04 6.25
N ALA A 155 4.41 14.67 7.38
CA ALA A 155 3.88 16.03 7.40
C ALA A 155 4.31 16.78 8.65
N ASP A 156 4.00 18.08 8.70
CA ASP A 156 4.32 18.99 9.82
C ASP A 156 5.76 19.47 9.73
N PHE A 157 5.98 20.40 8.82
CA PHE A 157 7.30 20.98 8.57
C PHE A 157 7.48 22.31 9.29
N GLY A 158 6.94 22.41 10.50
CA GLY A 158 7.05 23.65 11.24
C GLY A 158 8.48 23.96 11.60
N LEU A 159 9.12 23.00 12.26
CA LEU A 159 10.51 23.16 12.69
C LEU A 159 11.47 22.79 11.59
N SER A 160 10.94 22.49 10.42
CA SER A 160 11.76 22.11 9.28
C SER A 160 12.63 23.24 8.77
N ARG A 161 13.90 22.90 8.59
CA ARG A 161 14.93 23.82 8.13
C ARG A 161 15.60 23.31 6.87
N LEU A 162 15.87 24.23 5.97
CA LEU A 162 16.69 23.85 4.84
C LEU A 162 18.02 23.77 5.55
N MET A 163 19.15 24.03 4.90
CA MET A 163 20.38 23.99 5.68
C MET A 163 21.66 24.16 4.87
N THR A 164 22.54 25.02 5.35
CA THR A 164 23.80 25.28 4.67
C THR A 164 24.90 24.38 5.28
N GLY A 165 25.26 24.65 6.53
CA GLY A 165 26.27 23.83 7.19
C GLY A 165 25.56 22.56 7.57
N ASP A 166 26.26 21.58 8.16
CA ASP A 166 25.60 20.34 8.54
C ASP A 166 25.23 20.24 10.01
N THR A 167 24.79 21.36 10.59
CA THR A 167 24.38 21.41 11.98
C THR A 167 23.63 22.70 12.25
N TYR A 168 22.38 22.57 12.70
CA TYR A 168 21.55 23.73 13.01
C TYR A 168 21.48 23.88 14.54
N THR A 169 21.66 25.11 15.01
CA THR A 169 21.60 25.37 16.44
C THR A 169 20.24 25.99 16.75
N ALA A 170 19.36 25.19 17.34
CA ALA A 170 18.03 25.63 17.69
C ALA A 170 18.08 26.81 18.63
N PRO A 171 17.23 27.84 18.41
CA PRO A 171 17.20 29.02 19.28
C PRO A 171 17.13 28.55 20.72
N ALA A 172 18.05 29.05 21.52
CA ALA A 172 18.17 28.73 22.94
C ALA A 172 16.90 28.95 23.74
N GLY A 173 16.78 28.24 24.85
CA GLY A 173 15.60 28.38 25.68
C GLY A 173 14.39 27.89 24.93
N ALA A 174 14.41 26.61 24.56
CA ALA A 174 13.31 25.99 23.84
C ALA A 174 12.81 24.79 24.61
N LYS A 175 11.76 24.17 24.09
CA LYS A 175 11.18 22.99 24.70
C LYS A 175 10.79 22.05 23.58
N PHE A 176 11.42 20.88 23.54
CA PHE A 176 11.12 19.91 22.50
C PHE A 176 10.76 18.50 23.00
N PRO A 177 10.10 17.69 22.15
CA PRO A 177 9.70 16.33 22.52
C PRO A 177 10.87 15.47 22.95
N ILE A 178 11.13 15.45 24.25
CA ILE A 178 12.25 14.70 24.80
C ILE A 178 12.50 13.31 24.21
N LYS A 179 11.57 12.38 24.40
CA LYS A 179 11.76 11.01 23.91
C LYS A 179 12.04 10.78 22.40
N TRP A 180 11.89 11.81 21.57
CA TRP A 180 12.17 11.70 20.14
C TRP A 180 13.43 12.48 19.79
N THR A 181 13.92 13.28 20.74
CA THR A 181 15.11 14.12 20.53
C THR A 181 16.40 13.41 20.89
N ALA A 182 17.41 13.58 20.02
CA ALA A 182 18.74 12.97 20.18
C ALA A 182 19.65 13.71 21.14
N PRO A 183 20.49 12.96 21.87
CA PRO A 183 21.44 13.48 22.87
C PRO A 183 22.13 14.81 22.52
N GLU A 184 22.81 14.85 21.39
CA GLU A 184 23.54 16.06 20.97
C GLU A 184 22.62 17.26 20.71
N SER A 185 21.32 17.03 20.78
CA SER A 185 20.35 18.08 20.53
C SER A 185 19.72 18.49 21.85
N LEU A 186 19.40 17.50 22.68
CA LEU A 186 18.82 17.72 24.00
C LEU A 186 19.79 18.50 24.87
N ALA A 187 21.07 18.30 24.61
CA ALA A 187 22.13 18.94 25.36
C ALA A 187 22.72 20.19 24.74
N TYR A 188 22.91 20.22 23.42
CA TYR A 188 23.50 21.41 22.80
C TYR A 188 22.61 22.13 21.80
N ASN A 189 21.31 21.86 21.83
CA ASN A 189 20.38 22.52 20.92
C ASN A 189 20.86 22.55 19.47
N LYS A 190 21.56 21.50 19.08
CA LYS A 190 22.08 21.38 17.72
C LYS A 190 21.43 20.23 16.99
N PHE A 191 20.65 20.57 15.97
CA PHE A 191 19.97 19.56 15.18
C PHE A 191 20.68 19.32 13.85
N SER A 192 20.60 18.08 13.39
CA SER A 192 21.23 17.67 12.14
C SER A 192 20.40 16.59 11.46
N ILE A 193 20.76 16.25 10.23
CA ILE A 193 20.05 15.19 9.52
C ILE A 193 20.30 13.87 10.27
N LYS A 194 21.05 13.95 11.36
CA LYS A 194 21.33 12.77 12.15
C LYS A 194 20.41 12.77 13.35
N SER A 195 19.76 13.90 13.57
CA SER A 195 18.80 14.04 14.64
C SER A 195 17.63 13.19 14.17
N ASP A 196 17.22 13.44 12.93
CA ASP A 196 16.13 12.71 12.33
C ASP A 196 16.38 11.21 12.38
N VAL A 197 17.57 10.77 12.02
CA VAL A 197 17.84 9.36 12.07
C VAL A 197 17.53 8.81 13.47
N TRP A 198 17.86 9.58 14.50
CA TRP A 198 17.60 9.16 15.88
C TRP A 198 16.10 8.99 16.07
N ALA A 199 15.36 10.04 15.69
CA ALA A 199 13.91 10.06 15.79
C ALA A 199 13.29 8.89 15.04
N PHE A 200 13.68 8.75 13.78
CA PHE A 200 13.18 7.69 12.93
C PHE A 200 13.29 6.40 13.69
N GLY A 201 14.34 6.29 14.49
CA GLY A 201 14.53 5.09 15.28
C GLY A 201 13.39 4.95 16.26
N VAL A 202 12.85 6.08 16.71
CA VAL A 202 11.74 6.07 17.65
C VAL A 202 10.48 5.78 16.88
N LEU A 203 10.29 6.51 15.78
CA LEU A 203 9.11 6.32 14.93
C LEU A 203 8.90 4.85 14.49
N LEU A 204 9.96 4.05 14.54
CA LEU A 204 9.85 2.65 14.18
C LEU A 204 9.38 1.91 15.43
N TRP A 205 9.79 2.40 16.58
CA TRP A 205 9.39 1.76 17.81
C TRP A 205 7.92 2.04 17.97
N GLU A 206 7.50 3.28 17.67
CA GLU A 206 6.10 3.63 17.79
C GLU A 206 5.27 2.66 16.96
N ILE A 207 5.53 2.65 15.65
CA ILE A 207 4.85 1.76 14.70
C ILE A 207 4.87 0.28 15.14
N ALA A 208 6.03 -0.23 15.51
CA ALA A 208 6.10 -1.62 15.92
C ALA A 208 5.19 -1.99 17.09
N THR A 209 5.09 -1.09 18.06
CA THR A 209 4.26 -1.31 19.24
C THR A 209 2.82 -0.83 19.01
N TYR A 210 2.44 -0.72 17.76
CA TYR A 210 1.10 -0.31 17.40
C TYR A 210 0.63 0.96 18.07
N GLY A 211 1.58 1.88 18.31
CA GLY A 211 1.20 3.17 18.87
C GLY A 211 1.52 3.53 20.31
N MET A 212 2.42 2.80 20.95
CA MET A 212 2.74 3.13 22.33
C MET A 212 3.52 4.43 22.52
N SER A 213 3.69 4.81 23.78
CA SER A 213 4.43 6.00 24.11
C SER A 213 5.86 5.53 24.40
N PRO A 214 6.85 6.17 23.77
CA PRO A 214 8.27 5.83 23.94
C PRO A 214 8.76 5.73 25.39
N TYR A 215 9.81 4.94 25.62
CA TYR A 215 10.38 4.71 26.95
C TYR A 215 9.22 4.71 27.95
N PRO A 216 8.27 3.78 27.76
CA PRO A 216 7.06 3.58 28.55
C PRO A 216 7.26 3.44 30.05
N GLY A 217 6.63 4.35 30.80
CA GLY A 217 6.73 4.31 32.23
C GLY A 217 7.87 5.15 32.75
N ILE A 218 8.73 5.59 31.85
CA ILE A 218 9.85 6.40 32.23
C ILE A 218 9.50 7.88 32.05
N ASP A 219 9.96 8.69 32.97
CA ASP A 219 9.69 10.12 32.98
C ASP A 219 10.56 10.87 31.98
N LEU A 220 10.15 12.07 31.58
CA LEU A 220 10.90 12.88 30.63
C LEU A 220 12.26 13.34 31.16
N SER A 221 12.30 13.63 32.45
CA SER A 221 13.50 14.11 33.10
C SER A 221 14.58 13.03 33.20
N GLN A 222 14.16 11.78 33.17
CA GLN A 222 15.07 10.65 33.30
C GLN A 222 15.63 10.07 32.01
N VAL A 223 15.12 10.53 30.87
CA VAL A 223 15.57 9.98 29.60
C VAL A 223 17.05 10.18 29.29
N TYR A 224 17.50 11.43 29.21
CA TYR A 224 18.90 11.74 28.90
C TYR A 224 19.95 11.05 29.76
N GLU A 225 19.84 11.20 31.08
CA GLU A 225 20.80 10.58 31.98
C GLU A 225 20.77 9.07 31.81
N LEU A 226 19.66 8.57 31.29
CA LEU A 226 19.51 7.14 31.07
C LEU A 226 20.10 6.72 29.73
N LEU A 227 20.16 7.65 28.78
CA LEU A 227 20.73 7.33 27.49
C LEU A 227 22.25 7.34 27.64
N GLU A 228 22.73 8.18 28.56
CA GLU A 228 24.14 8.29 28.86
C GLU A 228 24.65 7.03 29.52
N LYS A 229 23.84 6.41 30.39
CA LYS A 229 24.29 5.18 31.03
C LYS A 229 24.07 4.02 30.05
N ASP A 230 23.82 4.36 28.79
CA ASP A 230 23.63 3.35 27.74
C ASP A 230 22.30 2.59 27.75
N TYR A 231 21.25 3.19 28.29
CA TYR A 231 19.97 2.52 28.30
C TYR A 231 19.25 2.81 26.99
N ARG A 232 18.62 1.79 26.43
CA ARG A 232 17.87 1.93 25.20
C ARG A 232 16.63 1.04 25.40
N MET A 233 15.57 1.32 24.64
CA MET A 233 14.34 0.51 24.74
C MET A 233 14.60 -0.91 24.24
N GLU A 234 13.84 -1.88 24.76
CA GLU A 234 14.02 -3.26 24.32
C GLU A 234 13.17 -3.61 23.09
N ARG A 235 13.49 -4.72 22.45
CA ARG A 235 12.78 -5.15 21.24
C ARG A 235 11.28 -5.39 21.44
N PRO A 236 10.44 -4.60 20.74
CA PRO A 236 8.98 -4.70 20.82
C PRO A 236 8.59 -6.13 20.49
N GLU A 237 7.43 -6.58 20.96
CA GLU A 237 7.02 -7.95 20.67
C GLU A 237 6.61 -8.14 19.22
N GLY A 238 6.96 -9.31 18.68
CA GLY A 238 6.62 -9.61 17.30
C GLY A 238 7.45 -8.79 16.33
N CYS A 239 8.42 -8.06 16.86
CA CYS A 239 9.29 -7.23 16.03
C CYS A 239 10.51 -8.03 15.58
N PRO A 240 10.72 -8.15 14.27
CA PRO A 240 11.85 -8.89 13.71
C PRO A 240 13.22 -8.33 14.14
N GLU A 241 14.03 -9.20 14.75
CA GLU A 241 15.36 -8.83 15.23
C GLU A 241 16.14 -8.05 14.19
N LYS A 242 15.76 -8.21 12.94
CA LYS A 242 16.40 -7.51 11.84
C LYS A 242 16.08 -6.00 11.91
N VAL A 243 14.82 -5.70 12.23
CA VAL A 243 14.37 -4.33 12.30
C VAL A 243 14.75 -3.66 13.62
N TYR A 244 14.88 -4.46 14.68
CA TYR A 244 15.26 -3.87 15.96
C TYR A 244 16.72 -3.45 15.81
N GLU A 245 17.50 -4.39 15.28
CA GLU A 245 18.92 -4.20 15.03
C GLU A 245 19.13 -2.83 14.39
N LEU A 246 18.20 -2.45 13.52
CA LEU A 246 18.27 -1.17 12.80
C LEU A 246 17.91 0.06 13.67
N MET A 247 17.12 -0.17 14.71
CA MET A 247 16.74 0.91 15.61
C MET A 247 17.95 1.34 16.41
N ARG A 248 18.69 0.34 16.88
CA ARG A 248 19.91 0.56 17.67
C ARG A 248 20.89 1.39 16.88
N ALA A 249 20.98 1.07 15.60
CA ALA A 249 21.84 1.81 14.71
C ALA A 249 21.45 3.27 14.83
N CYS A 250 20.15 3.53 14.71
CA CYS A 250 19.65 4.89 14.80
C CYS A 250 19.85 5.49 16.17
N TRP A 251 20.06 4.65 17.18
CA TRP A 251 20.27 5.19 18.52
C TRP A 251 21.69 5.00 19.02
N GLN A 252 22.65 5.43 18.20
CA GLN A 252 24.05 5.35 18.56
C GLN A 252 24.33 6.69 19.20
N TRP A 253 25.04 6.68 20.31
CA TRP A 253 25.32 7.93 21.02
C TRP A 253 26.03 8.94 20.14
N ASN A 254 26.95 8.46 19.31
CA ASN A 254 27.69 9.34 18.42
C ASN A 254 26.91 9.50 17.12
N PRO A 255 26.42 10.70 16.82
CA PRO A 255 25.67 10.87 15.56
C PRO A 255 26.40 10.35 14.33
N SER A 256 27.74 10.33 14.42
CA SER A 256 28.58 9.88 13.33
C SER A 256 28.50 8.39 13.05
N ASP A 257 28.05 7.62 14.04
CA ASP A 257 27.92 6.15 13.91
C ASP A 257 26.51 5.70 13.53
N ARG A 258 25.66 6.66 13.21
CA ARG A 258 24.28 6.36 12.86
C ARG A 258 24.22 6.21 11.37
N PRO A 259 23.41 5.27 10.88
CA PRO A 259 23.30 5.05 9.43
C PRO A 259 22.68 6.27 8.78
N SER A 260 22.58 6.30 7.47
CA SER A 260 21.97 7.44 6.80
C SER A 260 20.60 6.98 6.29
N PHE A 261 19.77 7.92 5.87
CA PHE A 261 18.47 7.51 5.38
C PHE A 261 18.64 6.67 4.13
N ALA A 262 19.64 7.00 3.32
CA ALA A 262 19.91 6.27 2.10
C ALA A 262 20.18 4.79 2.41
N GLU A 263 20.94 4.51 3.46
CA GLU A 263 21.25 3.13 3.86
C GLU A 263 20.00 2.52 4.51
N ILE A 264 19.26 3.36 5.22
CA ILE A 264 18.07 2.90 5.90
C ILE A 264 16.98 2.47 4.91
N HIS A 265 16.71 3.33 3.93
CA HIS A 265 15.69 3.04 2.92
C HIS A 265 16.07 1.77 2.21
N GLN A 266 17.36 1.62 1.92
CA GLN A 266 17.88 0.44 1.24
C GLN A 266 17.59 -0.81 2.05
N ALA A 267 17.76 -0.71 3.36
CA ALA A 267 17.49 -1.84 4.25
C ALA A 267 16.07 -2.34 4.06
N PHE A 268 15.11 -1.42 3.99
CA PHE A 268 13.70 -1.76 3.82
C PHE A 268 13.36 -2.16 2.38
N GLU A 269 13.46 -1.20 1.46
CA GLU A 269 13.17 -1.42 0.03
C GLU A 269 13.70 -2.76 -0.47
N THR A 270 14.77 -3.24 0.14
CA THR A 270 15.41 -4.50 -0.22
C THR A 270 14.96 -5.69 0.62
N MET A 271 13.93 -5.51 1.43
CA MET A 271 13.45 -6.59 2.28
C MET A 271 14.63 -7.14 3.08
N PHE A 272 15.64 -6.28 3.25
CA PHE A 272 16.87 -6.61 3.97
C PHE A 272 17.89 -7.44 3.20
N GLN A 273 18.72 -6.72 2.45
CA GLN A 273 19.77 -7.29 1.62
C GLN A 273 20.71 -6.10 1.35
N GLU A 274 21.12 -5.47 2.45
CA GLU A 274 22.00 -4.32 2.52
C GLU A 274 22.41 -3.92 3.99
N SER A 275 23.67 -3.40 4.09
CA SER A 275 24.69 -2.80 5.04
C SER A 275 24.68 -2.14 6.48
N SER A 276 23.74 -2.25 7.41
CA SER A 276 23.94 -1.58 8.71
C SER A 276 24.32 -2.60 9.75
N ILE A 277 25.58 -3.03 9.77
CA ILE A 277 26.03 -4.03 10.75
C ILE A 277 27.52 -3.84 11.07
N TYR B 7 -39.06 -11.20 -6.81
CA TYR B 7 -38.04 -10.20 -6.38
C TYR B 7 -36.61 -10.72 -6.52
N ASP B 8 -35.71 -9.85 -6.93
CA ASP B 8 -34.30 -10.18 -7.12
C ASP B 8 -33.54 -8.86 -7.15
N LYS B 9 -33.08 -8.40 -5.99
CA LYS B 9 -32.37 -7.14 -5.87
C LYS B 9 -31.36 -6.93 -6.99
N TRP B 10 -30.59 -7.96 -7.29
CA TRP B 10 -29.57 -7.88 -8.32
C TRP B 10 -30.04 -7.43 -9.70
N GLU B 11 -31.34 -7.48 -9.98
CA GLU B 11 -31.79 -7.02 -11.29
C GLU B 11 -31.57 -5.51 -11.34
N MET B 12 -31.12 -5.02 -12.50
CA MET B 12 -30.86 -3.59 -12.63
C MET B 12 -31.51 -3.01 -13.87
N GLU B 13 -31.78 -1.70 -13.81
CA GLU B 13 -32.43 -0.97 -14.91
C GLU B 13 -31.48 -0.54 -16.04
N ARG B 14 -31.62 -1.17 -17.20
CA ARG B 14 -30.77 -0.86 -18.36
C ARG B 14 -30.84 0.60 -18.83
N THR B 15 -31.62 1.42 -18.13
CA THR B 15 -31.72 2.84 -18.50
C THR B 15 -30.72 3.65 -17.69
N ASP B 16 -30.51 3.22 -16.44
CA ASP B 16 -29.60 3.86 -15.53
C ASP B 16 -28.17 3.41 -15.78
N ILE B 17 -27.91 2.93 -16.99
CA ILE B 17 -26.57 2.48 -17.38
C ILE B 17 -26.12 3.27 -18.59
N THR B 18 -24.98 3.92 -18.46
CA THR B 18 -24.45 4.73 -19.54
C THR B 18 -23.12 4.17 -20.03
N MET B 19 -23.18 3.38 -21.09
CA MET B 19 -21.98 2.78 -21.65
C MET B 19 -21.05 3.86 -22.19
N LYS B 20 -19.75 3.67 -22.02
CA LYS B 20 -18.77 4.62 -22.53
C LYS B 20 -17.75 3.88 -23.40
N HIS B 21 -16.46 4.12 -23.23
CA HIS B 21 -15.51 3.43 -24.10
C HIS B 21 -15.34 1.94 -23.80
N LYS B 22 -15.15 1.17 -24.88
CA LYS B 22 -14.96 -0.27 -24.78
C LYS B 22 -13.59 -0.52 -24.15
N LEU B 23 -13.46 -1.57 -23.36
CA LEU B 23 -12.18 -1.86 -22.73
C LEU B 23 -11.52 -3.13 -23.24
N GLY B 24 -12.29 -4.21 -23.36
CA GLY B 24 -11.71 -5.48 -23.81
C GLY B 24 -12.31 -6.16 -25.03
N GLY B 25 -11.50 -7.01 -25.67
CA GLY B 25 -11.95 -7.72 -26.85
C GLY B 25 -12.65 -9.02 -26.52
N GLU B 30 -15.81 -7.94 -25.15
CA GLU B 30 -16.78 -6.87 -24.99
C GLU B 30 -17.08 -6.62 -23.51
N VAL B 31 -16.24 -5.77 -22.94
CA VAL B 31 -16.32 -5.35 -21.56
C VAL B 31 -16.18 -3.85 -21.66
N TYR B 32 -17.16 -3.10 -21.19
CA TYR B 32 -17.11 -1.65 -21.29
C TYR B 32 -16.94 -0.90 -19.98
N GLU B 33 -16.68 0.40 -20.07
CA GLU B 33 -16.57 1.23 -18.89
C GLU B 33 -17.86 2.03 -18.97
N GLY B 34 -18.62 2.04 -17.89
CA GLY B 34 -19.88 2.75 -17.91
C GLY B 34 -20.23 3.42 -16.60
N VAL B 35 -21.35 4.12 -16.62
CA VAL B 35 -21.84 4.85 -15.46
C VAL B 35 -23.25 4.43 -15.06
N TRP B 36 -23.42 4.13 -13.79
CA TRP B 36 -24.72 3.75 -13.27
C TRP B 36 -25.37 5.05 -12.78
N LYS B 37 -26.25 5.59 -13.62
CA LYS B 37 -26.92 6.86 -13.36
C LYS B 37 -27.53 7.07 -11.97
N LYS B 38 -28.14 6.04 -11.40
CA LYS B 38 -28.76 6.18 -10.08
C LYS B 38 -27.91 6.99 -9.11
N TYR B 39 -26.71 6.47 -8.85
CA TYR B 39 -25.79 7.13 -7.94
C TYR B 39 -24.58 7.67 -8.68
N SER B 40 -24.82 8.25 -9.85
CA SER B 40 -23.75 8.82 -10.67
C SER B 40 -22.44 8.12 -10.34
N LEU B 41 -22.43 6.80 -10.49
CA LEU B 41 -21.25 5.99 -10.16
C LEU B 41 -20.62 5.28 -11.36
N THR B 42 -19.31 5.02 -11.29
CA THR B 42 -18.61 4.35 -12.38
C THR B 42 -18.51 2.85 -12.17
N VAL B 43 -19.04 2.11 -13.13
CA VAL B 43 -19.05 0.66 -13.06
C VAL B 43 -18.45 0.07 -14.30
N ALA B 44 -18.16 -1.23 -14.24
CA ALA B 44 -17.61 -1.96 -15.37
C ALA B 44 -18.71 -2.87 -15.87
N VAL B 45 -19.13 -2.67 -17.13
CA VAL B 45 -20.19 -3.47 -17.73
C VAL B 45 -19.67 -4.58 -18.65
N LYS B 46 -19.97 -5.84 -18.30
CA LYS B 46 -19.56 -6.99 -19.12
C LYS B 46 -20.73 -7.31 -20.04
N THR B 47 -20.47 -7.28 -21.34
CA THR B 47 -21.53 -7.52 -22.32
C THR B 47 -21.74 -8.93 -22.85
N LEU B 48 -23.03 -9.19 -23.21
CA LEU B 48 -23.40 -10.46 -23.77
C LEU B 48 -23.19 -10.46 -25.26
N LYS B 49 -22.06 -10.98 -25.56
CA LYS B 49 -21.55 -11.23 -26.87
C LYS B 49 -22.68 -11.41 -27.95
N GLU B 50 -23.39 -12.53 -28.14
CA GLU B 50 -24.52 -12.31 -29.08
C GLU B 50 -25.43 -13.51 -29.44
N ASP B 51 -26.57 -13.80 -28.85
CA ASP B 51 -27.19 -15.03 -29.33
C ASP B 51 -26.71 -15.41 -30.71
N THR B 52 -25.73 -16.29 -30.65
CA THR B 52 -24.91 -16.95 -31.62
C THR B 52 -23.80 -17.39 -30.69
N MET B 53 -24.03 -16.97 -29.45
CA MET B 53 -23.17 -17.23 -28.31
C MET B 53 -24.02 -17.77 -27.16
N GLU B 54 -23.36 -18.21 -26.10
CA GLU B 54 -24.02 -18.75 -24.91
C GLU B 54 -25.01 -17.77 -24.27
N VAL B 55 -25.79 -18.28 -23.33
CA VAL B 55 -26.77 -17.45 -22.62
C VAL B 55 -26.74 -17.68 -21.11
N GLU B 56 -27.23 -18.84 -20.67
CA GLU B 56 -27.28 -19.17 -19.24
C GLU B 56 -25.92 -19.41 -18.59
N GLU B 57 -24.94 -19.91 -19.34
CA GLU B 57 -23.64 -20.16 -18.75
C GLU B 57 -22.95 -18.82 -18.51
N PHE B 58 -23.32 -17.84 -19.32
CA PHE B 58 -22.77 -16.49 -19.20
C PHE B 58 -23.05 -16.00 -17.79
N LEU B 59 -24.33 -16.04 -17.42
CA LEU B 59 -24.75 -15.62 -16.09
C LEU B 59 -24.14 -16.45 -14.97
N LYS B 60 -23.62 -17.63 -15.30
CA LYS B 60 -23.02 -18.47 -14.27
C LYS B 60 -21.89 -17.74 -13.56
N GLU B 61 -21.26 -16.79 -14.26
CA GLU B 61 -20.18 -16.02 -13.67
C GLU B 61 -20.80 -15.14 -12.59
N ALA B 62 -21.88 -14.45 -12.95
CA ALA B 62 -22.59 -13.57 -12.02
C ALA B 62 -23.27 -14.38 -10.92
N ALA B 63 -23.48 -15.67 -11.19
CA ALA B 63 -24.10 -16.56 -10.21
C ALA B 63 -23.13 -16.66 -9.06
N VAL B 64 -21.90 -17.01 -9.42
CA VAL B 64 -20.82 -17.15 -8.45
C VAL B 64 -20.61 -15.87 -7.65
N MET B 65 -20.53 -14.74 -8.36
CA MET B 65 -20.30 -13.45 -7.75
C MET B 65 -21.27 -13.01 -6.67
N LYS B 66 -22.52 -13.45 -6.76
CA LYS B 66 -23.52 -13.10 -5.75
C LYS B 66 -23.23 -13.80 -4.42
N GLU B 67 -22.59 -14.97 -4.48
CA GLU B 67 -22.30 -15.72 -3.27
C GLU B 67 -20.95 -15.43 -2.61
N ILE B 68 -20.32 -14.31 -2.96
CA ILE B 68 -19.04 -13.96 -2.34
C ILE B 68 -18.93 -12.48 -2.12
N LYS B 69 -18.25 -12.11 -1.04
CA LYS B 69 -18.02 -10.72 -0.74
C LYS B 69 -16.71 -10.62 0.00
N HIS B 70 -15.89 -9.66 -0.39
CA HIS B 70 -14.60 -9.46 0.23
C HIS B 70 -13.99 -8.20 -0.37
N PRO B 71 -13.16 -7.50 0.41
CA PRO B 71 -12.53 -6.26 -0.06
C PRO B 71 -11.47 -6.49 -1.15
N ASN B 72 -11.04 -7.73 -1.31
CA ASN B 72 -10.05 -8.03 -2.32
C ASN B 72 -10.57 -8.88 -3.45
N LEU B 73 -11.88 -8.82 -3.64
CA LEU B 73 -12.56 -9.53 -4.72
C LEU B 73 -13.39 -8.44 -5.34
N VAL B 74 -13.41 -8.36 -6.66
CA VAL B 74 -14.19 -7.31 -7.31
C VAL B 74 -15.65 -7.50 -6.96
N GLN B 75 -16.29 -6.42 -6.48
CA GLN B 75 -17.68 -6.48 -6.07
C GLN B 75 -18.71 -6.43 -7.20
N LEU B 76 -19.65 -7.38 -7.19
CA LEU B 76 -20.72 -7.43 -8.19
C LEU B 76 -21.74 -6.38 -7.79
N LEU B 77 -22.21 -5.60 -8.75
CA LEU B 77 -23.19 -4.57 -8.43
C LEU B 77 -24.58 -4.83 -9.00
N GLY B 78 -24.72 -5.90 -9.77
CA GLY B 78 -26.02 -6.20 -10.34
C GLY B 78 -25.99 -6.74 -11.75
N VAL B 79 -27.17 -6.90 -12.33
CA VAL B 79 -27.31 -7.45 -13.68
C VAL B 79 -28.49 -6.86 -14.46
N CYS B 80 -28.51 -7.19 -15.75
CA CYS B 80 -29.57 -6.78 -16.65
C CYS B 80 -29.77 -8.02 -17.51
N THR B 81 -30.16 -9.11 -16.82
CA THR B 81 -30.34 -10.41 -17.43
C THR B 81 -31.64 -10.66 -18.21
N ARG B 82 -32.69 -9.92 -17.88
CA ARG B 82 -33.96 -10.14 -18.56
C ARG B 82 -33.88 -9.87 -20.07
N GLU B 83 -34.33 -8.70 -20.51
CA GLU B 83 -34.31 -8.32 -21.93
C GLU B 83 -32.91 -8.49 -22.56
N PRO B 84 -32.76 -8.11 -23.84
CA PRO B 84 -31.46 -8.22 -24.52
C PRO B 84 -31.02 -6.87 -25.11
N PRO B 85 -29.70 -6.56 -25.09
CA PRO B 85 -28.52 -7.30 -24.61
C PRO B 85 -28.45 -7.44 -23.10
N PHE B 86 -27.63 -8.38 -22.64
CA PHE B 86 -27.48 -8.66 -21.23
C PHE B 86 -26.18 -8.09 -20.64
N TYR B 87 -26.20 -7.75 -19.36
CA TYR B 87 -25.06 -7.14 -18.68
C TYR B 87 -24.69 -7.74 -17.31
N ILE B 88 -23.43 -7.55 -16.91
CA ILE B 88 -22.95 -7.98 -15.61
C ILE B 88 -22.15 -6.79 -15.07
N ILE B 89 -22.81 -5.96 -14.27
CA ILE B 89 -22.21 -4.76 -13.73
C ILE B 89 -21.43 -4.92 -12.43
N THR B 90 -20.13 -4.64 -12.49
CA THR B 90 -19.24 -4.75 -11.34
C THR B 90 -18.49 -3.44 -11.08
N GLU B 91 -18.08 -3.21 -9.82
CA GLU B 91 -17.37 -1.98 -9.49
C GLU B 91 -16.21 -1.82 -10.46
N PHE B 92 -15.78 -0.58 -10.66
CA PHE B 92 -14.68 -0.25 -11.56
C PHE B 92 -13.36 -0.03 -10.81
N MET B 93 -12.30 -0.68 -11.28
CA MET B 93 -10.97 -0.53 -10.68
C MET B 93 -10.21 0.43 -11.61
N THR B 94 -10.17 1.71 -11.25
CA THR B 94 -9.54 2.74 -12.09
C THR B 94 -8.20 2.46 -12.77
N TYR B 95 -7.33 1.64 -12.18
CA TYR B 95 -6.02 1.38 -12.81
C TYR B 95 -5.85 0.11 -13.65
N GLY B 96 -6.95 -0.51 -14.04
CA GLY B 96 -6.85 -1.71 -14.87
C GLY B 96 -6.19 -2.90 -14.20
N ASN B 97 -5.73 -3.84 -15.02
CA ASN B 97 -5.13 -5.05 -14.49
C ASN B 97 -3.68 -5.00 -14.00
N LEU B 98 -3.45 -5.72 -12.92
CA LEU B 98 -2.16 -5.80 -12.27
C LEU B 98 -1.02 -6.05 -13.24
N LEU B 99 -1.32 -6.71 -14.36
CA LEU B 99 -0.26 -7.03 -15.29
C LEU B 99 0.34 -5.80 -15.92
N ASP B 100 -0.50 -5.01 -16.56
CA ASP B 100 -0.04 -3.79 -17.21
C ASP B 100 0.52 -2.83 -16.15
N TYR B 101 -0.18 -2.69 -15.04
CA TYR B 101 0.29 -1.80 -13.97
C TYR B 101 1.74 -2.09 -13.60
N LEU B 102 2.06 -3.35 -13.38
CA LEU B 102 3.43 -3.71 -13.02
C LEU B 102 4.43 -3.49 -14.15
N ARG B 103 3.94 -3.41 -15.38
CA ARG B 103 4.82 -3.23 -16.52
C ARG B 103 5.10 -1.77 -16.84
N GLU B 104 4.27 -0.88 -16.34
CA GLU B 104 4.44 0.53 -16.64
C GLU B 104 4.58 1.34 -15.37
N CYS B 105 4.92 0.70 -14.27
CA CYS B 105 5.04 1.43 -13.02
C CYS B 105 6.47 1.87 -12.74
N ASN B 106 6.64 2.54 -11.61
CA ASN B 106 7.93 3.04 -11.15
C ASN B 106 8.52 2.03 -10.17
N ARG B 107 9.64 1.42 -10.51
CA ARG B 107 10.21 0.42 -9.61
C ARG B 107 10.99 0.96 -8.43
N GLN B 108 11.18 2.27 -8.38
CA GLN B 108 11.81 2.88 -7.23
C GLN B 108 10.70 2.97 -6.22
N GLU B 109 9.53 3.37 -6.76
CA GLU B 109 8.29 3.55 -6.03
C GLU B 109 7.77 2.17 -5.65
N VAL B 110 7.27 1.42 -6.63
CA VAL B 110 6.77 0.09 -6.38
C VAL B 110 7.94 -0.79 -6.01
N ASN B 111 8.34 -0.76 -4.74
CA ASN B 111 9.45 -1.54 -4.24
C ASN B 111 9.06 -3.01 -4.04
N ALA B 112 10.03 -3.80 -3.60
CA ALA B 112 9.78 -5.21 -3.35
C ALA B 112 8.84 -5.35 -2.16
N VAL B 113 8.74 -4.27 -1.39
CA VAL B 113 7.88 -4.26 -0.22
C VAL B 113 6.44 -4.10 -0.73
N VAL B 114 6.23 -3.13 -1.61
CA VAL B 114 4.89 -2.92 -2.14
C VAL B 114 4.41 -4.20 -2.83
N LEU B 115 5.33 -4.91 -3.47
CA LEU B 115 4.97 -6.14 -4.16
C LEU B 115 4.55 -7.19 -3.12
N LEU B 116 5.32 -7.33 -2.06
CA LEU B 116 4.99 -8.28 -1.00
C LEU B 116 3.58 -8.05 -0.50
N TYR B 117 3.22 -6.78 -0.39
CA TYR B 117 1.93 -6.35 0.09
C TYR B 117 0.83 -6.71 -0.93
N MET B 118 1.04 -6.40 -2.20
CA MET B 118 0.06 -6.74 -3.24
C MET B 118 -0.28 -8.23 -3.18
N ALA B 119 0.74 -9.03 -2.90
CA ALA B 119 0.57 -10.48 -2.78
C ALA B 119 -0.41 -10.78 -1.67
N THR B 120 -0.07 -10.29 -0.48
CA THR B 120 -0.87 -10.48 0.73
C THR B 120 -2.36 -10.23 0.55
N GLN B 121 -2.73 -9.14 -0.12
CA GLN B 121 -4.13 -8.85 -0.34
C GLN B 121 -4.78 -10.00 -1.14
N ILE B 122 -4.01 -10.57 -2.06
CA ILE B 122 -4.48 -11.66 -2.90
C ILE B 122 -4.53 -12.95 -2.10
N SER B 123 -3.50 -13.21 -1.31
CA SER B 123 -3.49 -14.42 -0.49
C SER B 123 -4.65 -14.32 0.49
N SER B 124 -5.17 -13.11 0.66
CA SER B 124 -6.29 -12.89 1.54
C SER B 124 -7.56 -13.36 0.82
N ALA B 125 -7.92 -12.67 -0.24
CA ALA B 125 -9.11 -13.03 -0.99
C ALA B 125 -9.13 -14.51 -1.36
N MET B 126 -7.98 -15.13 -1.55
CA MET B 126 -7.97 -16.56 -1.92
C MET B 126 -8.29 -17.50 -0.77
N GLU B 127 -7.63 -17.27 0.37
CA GLU B 127 -7.87 -18.09 1.56
C GLU B 127 -9.35 -18.02 1.92
N TYR B 128 -9.98 -16.88 1.62
CA TYR B 128 -11.38 -16.71 1.87
C TYR B 128 -12.15 -17.51 0.85
N LEU B 129 -11.80 -17.33 -0.41
CA LEU B 129 -12.48 -18.06 -1.48
C LEU B 129 -12.37 -19.55 -1.20
N GLU B 130 -11.30 -19.94 -0.49
CA GLU B 130 -11.06 -21.33 -0.13
C GLU B 130 -12.10 -21.73 0.91
N LYS B 131 -12.30 -20.84 1.88
CA LYS B 131 -13.25 -20.98 2.98
C LYS B 131 -14.61 -21.32 2.37
N LYS B 132 -15.22 -20.34 1.72
CA LYS B 132 -16.51 -20.55 1.05
C LYS B 132 -16.41 -21.79 0.15
N ASN B 133 -15.17 -22.27 -0.04
CA ASN B 133 -14.90 -23.43 -0.89
C ASN B 133 -15.29 -23.13 -2.33
N PHE B 134 -14.45 -22.35 -3.01
CA PHE B 134 -14.66 -21.98 -4.40
C PHE B 134 -13.37 -22.16 -5.16
N ILE B 135 -13.49 -22.13 -6.48
CA ILE B 135 -12.32 -22.26 -7.31
C ILE B 135 -12.30 -21.19 -8.38
N HIS B 136 -11.13 -20.61 -8.59
CA HIS B 136 -10.94 -19.61 -9.62
C HIS B 136 -10.06 -20.35 -10.60
N ARG B 137 -10.67 -20.90 -11.63
CA ARG B 137 -9.90 -21.66 -12.59
C ARG B 137 -8.93 -20.76 -13.37
N ASP B 138 -9.13 -19.46 -13.28
CA ASP B 138 -8.26 -18.51 -13.98
C ASP B 138 -7.66 -17.50 -13.00
N LEU B 139 -6.44 -17.75 -12.55
CA LEU B 139 -5.79 -16.86 -11.60
C LEU B 139 -4.44 -16.39 -12.11
N ALA B 140 -4.38 -15.15 -12.59
CA ALA B 140 -3.13 -14.58 -13.09
C ALA B 140 -3.17 -13.05 -13.04
N ALA B 141 -2.01 -12.42 -13.13
CA ALA B 141 -1.91 -10.97 -13.07
C ALA B 141 -2.84 -10.22 -14.02
N ARG B 142 -3.23 -10.86 -15.12
CA ARG B 142 -4.13 -10.22 -16.07
C ARG B 142 -5.57 -10.23 -15.55
N ASN B 143 -5.81 -10.98 -14.48
CA ASN B 143 -7.14 -11.09 -13.91
C ASN B 143 -7.28 -10.38 -12.57
N CYS B 144 -6.26 -9.64 -12.19
CA CYS B 144 -6.29 -8.87 -10.94
C CYS B 144 -6.44 -7.41 -11.30
N LEU B 145 -7.16 -6.66 -10.48
CA LEU B 145 -7.34 -5.25 -10.78
C LEU B 145 -6.75 -4.35 -9.72
N VAL B 146 -6.31 -3.18 -10.16
CA VAL B 146 -5.67 -2.23 -9.27
C VAL B 146 -6.50 -0.98 -9.05
N GLY B 147 -6.59 -0.58 -7.78
CA GLY B 147 -7.33 0.61 -7.41
C GLY B 147 -6.40 1.52 -6.64
N GLU B 148 -6.95 2.59 -6.04
CA GLU B 148 -6.17 3.56 -5.27
C GLU B 148 -5.06 2.97 -4.43
N ASN B 149 -3.98 3.72 -4.35
CA ASN B 149 -2.80 3.36 -3.58
C ASN B 149 -2.47 1.87 -3.52
N HIS B 150 -2.12 1.29 -4.67
CA HIS B 150 -1.71 -0.12 -4.76
C HIS B 150 -2.68 -1.16 -4.22
N LEU B 151 -3.97 -0.86 -4.30
CA LEU B 151 -4.99 -1.79 -3.81
C LEU B 151 -5.29 -2.85 -4.87
N VAL B 152 -5.07 -4.12 -4.53
CA VAL B 152 -5.31 -5.21 -5.48
C VAL B 152 -6.61 -5.96 -5.23
N LYS B 153 -7.20 -6.51 -6.29
CA LYS B 153 -8.43 -7.28 -6.19
C LYS B 153 -8.40 -8.43 -7.17
N VAL B 154 -9.43 -9.26 -7.15
CA VAL B 154 -9.48 -10.38 -8.06
C VAL B 154 -10.74 -10.34 -8.92
N ALA B 155 -10.63 -10.78 -10.18
CA ALA B 155 -11.78 -10.75 -11.06
C ALA B 155 -11.85 -11.93 -12.04
N ASP B 156 -12.76 -11.85 -13.01
CA ASP B 156 -12.98 -12.87 -14.04
C ASP B 156 -13.33 -14.24 -13.48
N PHE B 157 -14.29 -14.23 -12.57
CA PHE B 157 -14.77 -15.45 -11.95
C PHE B 157 -15.59 -16.21 -12.99
N GLY B 158 -15.31 -15.92 -14.26
CA GLY B 158 -16.02 -16.57 -15.35
C GLY B 158 -15.86 -18.07 -15.27
N LEU B 159 -14.62 -18.50 -15.14
CA LEU B 159 -14.35 -19.92 -15.02
C LEU B 159 -14.47 -20.35 -13.58
N SER B 160 -14.91 -19.43 -12.73
CA SER B 160 -15.09 -19.74 -11.33
C SER B 160 -16.44 -20.37 -11.11
N ARG B 161 -16.55 -21.16 -10.05
CA ARG B 161 -17.80 -21.80 -9.72
C ARG B 161 -17.78 -22.44 -8.35
N LEU B 162 -18.98 -22.64 -7.81
CA LEU B 162 -19.18 -23.26 -6.50
C LEU B 162 -18.94 -24.76 -6.64
N MET B 163 -18.03 -25.30 -5.85
CA MET B 163 -17.70 -26.71 -5.93
C MET B 163 -18.49 -27.68 -5.06
N THR B 164 -18.81 -28.84 -5.64
CA THR B 164 -19.54 -29.89 -4.95
C THR B 164 -18.52 -31.01 -4.80
N GLY B 165 -17.95 -31.14 -3.60
CA GLY B 165 -16.92 -32.12 -3.37
C GLY B 165 -15.69 -31.26 -3.54
N ASP B 166 -14.49 -31.78 -3.26
CA ASP B 166 -13.29 -30.95 -3.37
C ASP B 166 -12.58 -31.02 -4.73
N THR B 167 -13.18 -31.72 -5.69
CA THR B 167 -12.59 -31.83 -7.02
C THR B 167 -13.63 -31.55 -8.09
N TYR B 168 -13.16 -30.95 -9.19
CA TYR B 168 -14.03 -30.62 -10.30
C TYR B 168 -13.36 -31.08 -11.59
N THR B 169 -14.12 -31.73 -12.46
CA THR B 169 -13.59 -32.18 -13.73
C THR B 169 -14.23 -31.34 -14.82
N ALA B 170 -13.40 -30.60 -15.53
CA ALA B 170 -13.86 -29.71 -16.59
C ALA B 170 -14.09 -30.47 -17.88
N PRO B 171 -15.24 -30.24 -18.53
CA PRO B 171 -15.61 -30.89 -19.80
C PRO B 171 -14.46 -30.79 -20.78
N ALA B 172 -13.88 -31.94 -21.06
CA ALA B 172 -12.74 -32.04 -21.96
C ALA B 172 -12.99 -31.33 -23.30
N GLY B 173 -11.92 -31.17 -24.06
CA GLY B 173 -12.01 -30.51 -25.35
C GLY B 173 -11.74 -29.03 -25.23
N ALA B 174 -11.61 -28.57 -23.99
CA ALA B 174 -11.35 -27.16 -23.75
C ALA B 174 -9.87 -26.84 -23.73
N LYS B 175 -9.56 -25.59 -24.07
CA LYS B 175 -8.19 -25.09 -24.12
C LYS B 175 -7.89 -24.30 -22.85
N PHE B 176 -6.76 -24.57 -22.21
CA PHE B 176 -6.38 -23.88 -20.98
C PHE B 176 -5.17 -22.95 -21.16
N PRO B 177 -5.01 -21.97 -20.25
CA PRO B 177 -3.87 -21.05 -20.30
C PRO B 177 -2.71 -21.80 -19.60
N ILE B 178 -2.09 -22.65 -20.41
CA ILE B 178 -0.98 -23.53 -20.04
C ILE B 178 -0.02 -23.13 -18.95
N LYS B 179 0.65 -21.98 -19.14
CA LYS B 179 1.65 -21.56 -18.17
C LYS B 179 1.23 -21.48 -16.70
N TRP B 180 -0.04 -21.23 -16.44
CA TRP B 180 -0.51 -21.13 -15.07
C TRP B 180 -1.20 -22.40 -14.56
N THR B 181 -1.66 -23.23 -15.51
CA THR B 181 -2.37 -24.47 -15.21
C THR B 181 -1.54 -25.54 -14.52
N ALA B 182 -2.12 -26.17 -13.49
CA ALA B 182 -1.46 -27.21 -12.73
C ALA B 182 -1.33 -28.47 -13.58
N PRO B 183 -0.24 -29.23 -13.41
CA PRO B 183 -0.10 -30.45 -14.22
C PRO B 183 -1.41 -31.23 -14.28
N GLU B 184 -1.88 -31.67 -13.12
CA GLU B 184 -3.12 -32.44 -12.98
C GLU B 184 -4.30 -31.85 -13.75
N SER B 185 -4.34 -30.53 -13.86
CA SER B 185 -5.42 -29.86 -14.57
C SER B 185 -5.23 -30.02 -16.07
N LEU B 186 -3.99 -29.84 -16.51
CA LEU B 186 -3.68 -29.98 -17.92
C LEU B 186 -4.00 -31.38 -18.39
N ALA B 187 -3.32 -32.35 -17.79
CA ALA B 187 -3.47 -33.76 -18.12
C ALA B 187 -4.86 -34.35 -17.92
N TYR B 188 -5.38 -34.29 -16.69
CA TYR B 188 -6.67 -34.89 -16.40
C TYR B 188 -7.87 -33.98 -16.11
N ASN B 189 -7.91 -32.80 -16.73
CA ASN B 189 -9.03 -31.85 -16.52
C ASN B 189 -9.60 -31.74 -15.10
N LYS B 190 -8.75 -31.84 -14.07
CA LYS B 190 -9.23 -31.73 -12.69
C LYS B 190 -8.71 -30.52 -11.91
N PHE B 191 -9.56 -29.53 -11.72
CA PHE B 191 -9.20 -28.31 -11.00
C PHE B 191 -9.56 -28.41 -9.52
N SER B 192 -9.12 -27.43 -8.74
CA SER B 192 -9.37 -27.42 -7.30
C SER B 192 -8.58 -26.34 -6.57
N ILE B 193 -8.83 -26.20 -5.28
CA ILE B 193 -8.11 -25.21 -4.49
C ILE B 193 -6.61 -25.46 -4.65
N LYS B 194 -6.24 -26.70 -4.95
CA LYS B 194 -4.84 -27.00 -5.13
C LYS B 194 -4.34 -26.64 -6.52
N SER B 195 -5.28 -26.42 -7.44
CA SER B 195 -4.94 -26.03 -8.79
C SER B 195 -4.71 -24.53 -8.70
N ASP B 196 -5.57 -23.88 -7.93
CA ASP B 196 -5.47 -22.44 -7.70
C ASP B 196 -4.18 -22.12 -6.95
N VAL B 197 -3.79 -22.99 -6.03
CA VAL B 197 -2.56 -22.75 -5.29
C VAL B 197 -1.35 -22.82 -6.20
N TRP B 198 -1.43 -23.65 -7.24
CA TRP B 198 -0.33 -23.80 -8.19
C TRP B 198 -0.24 -22.53 -9.02
N ALA B 199 -1.39 -22.07 -9.51
CA ALA B 199 -1.48 -20.85 -10.30
C ALA B 199 -0.92 -19.66 -9.50
N PHE B 200 -1.23 -19.64 -8.22
CA PHE B 200 -0.76 -18.58 -7.33
C PHE B 200 0.76 -18.58 -7.34
N GLY B 201 1.36 -19.72 -7.62
CA GLY B 201 2.82 -19.76 -7.66
C GLY B 201 3.31 -18.96 -8.84
N VAL B 202 2.59 -19.08 -9.94
CA VAL B 202 2.92 -18.38 -11.16
C VAL B 202 2.59 -16.90 -10.99
N LEU B 203 1.49 -16.59 -10.33
CA LEU B 203 1.09 -15.19 -10.11
C LEU B 203 2.15 -14.41 -9.31
N LEU B 204 2.77 -15.05 -8.32
CA LEU B 204 3.82 -14.41 -7.54
C LEU B 204 4.94 -14.03 -8.47
N TRP B 205 5.36 -15.01 -9.26
CA TRP B 205 6.44 -14.85 -10.22
C TRP B 205 6.18 -13.67 -11.12
N GLU B 206 4.95 -13.57 -11.64
CA GLU B 206 4.59 -12.46 -12.50
C GLU B 206 4.84 -11.15 -11.75
N ILE B 207 4.39 -11.11 -10.50
CA ILE B 207 4.55 -9.93 -9.67
C ILE B 207 6.01 -9.63 -9.38
N ALA B 208 6.77 -10.61 -8.93
CA ALA B 208 8.18 -10.36 -8.60
C ALA B 208 9.03 -9.98 -9.80
N THR B 209 8.53 -10.28 -10.99
CA THR B 209 9.22 -9.97 -12.23
C THR B 209 8.34 -8.98 -12.96
N TYR B 210 8.11 -7.85 -12.32
CA TYR B 210 7.27 -6.80 -12.87
C TYR B 210 6.53 -7.12 -14.18
N GLY B 211 5.66 -8.13 -14.14
CA GLY B 211 4.89 -8.47 -15.32
C GLY B 211 5.51 -9.39 -16.36
N MET B 212 6.47 -10.22 -15.97
CA MET B 212 7.09 -11.12 -16.92
C MET B 212 6.22 -12.28 -17.40
N SER B 213 6.76 -12.98 -18.39
CA SER B 213 6.07 -14.10 -18.97
C SER B 213 6.57 -15.33 -18.27
N PRO B 214 5.66 -16.18 -17.79
CA PRO B 214 6.12 -17.38 -17.09
C PRO B 214 6.94 -18.23 -18.07
N TYR B 215 7.97 -18.90 -17.54
CA TYR B 215 8.82 -19.74 -18.38
C TYR B 215 9.12 -18.88 -19.60
N PRO B 216 9.86 -17.79 -19.40
CA PRO B 216 10.22 -16.86 -20.48
C PRO B 216 11.16 -17.43 -21.53
N GLY B 217 10.66 -17.50 -22.77
CA GLY B 217 11.46 -17.99 -23.88
C GLY B 217 11.15 -19.42 -24.27
N ILE B 218 10.28 -20.07 -23.49
CA ILE B 218 9.88 -21.44 -23.70
C ILE B 218 8.39 -21.43 -24.00
N ASP B 219 7.94 -22.02 -25.11
CA ASP B 219 6.50 -21.95 -25.39
C ASP B 219 5.67 -23.14 -24.93
N LEU B 220 4.38 -22.86 -24.73
CA LEU B 220 3.38 -23.83 -24.28
C LEU B 220 3.80 -25.29 -24.39
N SER B 221 3.91 -25.75 -25.64
CA SER B 221 4.29 -27.13 -25.93
C SER B 221 5.21 -27.81 -24.93
N GLN B 222 6.45 -27.32 -24.80
CA GLN B 222 7.46 -27.86 -23.89
C GLN B 222 7.11 -27.88 -22.38
N VAL B 223 6.51 -26.79 -21.91
CA VAL B 223 6.15 -26.64 -20.51
C VAL B 223 5.90 -27.93 -19.73
N TYR B 224 4.79 -28.59 -20.02
CA TYR B 224 4.42 -29.83 -19.32
C TYR B 224 5.56 -30.83 -19.16
N GLU B 225 6.24 -31.15 -20.26
CA GLU B 225 7.33 -32.11 -20.19
C GLU B 225 8.52 -31.57 -19.35
N LEU B 226 8.83 -30.29 -19.50
CA LEU B 226 9.94 -29.71 -18.74
C LEU B 226 9.62 -29.82 -17.25
N LEU B 227 8.34 -29.74 -16.93
CA LEU B 227 7.88 -29.85 -15.55
C LEU B 227 8.14 -31.26 -15.03
N GLU B 228 7.69 -32.27 -15.80
CA GLU B 228 7.86 -33.67 -15.44
C GLU B 228 9.28 -33.96 -15.00
N LYS B 229 10.24 -33.42 -15.75
CA LYS B 229 11.65 -33.64 -15.47
C LYS B 229 12.17 -32.79 -14.30
N ASP B 230 11.23 -32.23 -13.54
CA ASP B 230 11.53 -31.42 -12.37
C ASP B 230 12.18 -30.07 -12.65
N TYR B 231 11.76 -29.41 -13.72
CA TYR B 231 12.30 -28.10 -14.02
C TYR B 231 11.33 -27.06 -13.46
N ARG B 232 11.89 -26.01 -12.87
CA ARG B 232 11.09 -24.93 -12.28
C ARG B 232 11.63 -23.55 -12.62
N MET B 233 10.72 -22.57 -12.71
CA MET B 233 11.14 -21.20 -12.98
C MET B 233 12.11 -20.84 -11.90
N GLU B 234 12.99 -19.90 -12.19
CA GLU B 234 13.98 -19.46 -11.23
C GLU B 234 13.62 -18.23 -10.40
N ARG B 235 14.41 -18.02 -9.36
CA ARG B 235 14.23 -16.93 -8.44
C ARG B 235 14.47 -15.58 -9.09
N PRO B 236 13.41 -14.75 -9.20
CA PRO B 236 13.50 -13.41 -9.81
C PRO B 236 14.57 -12.57 -9.10
N GLU B 237 15.30 -11.75 -9.84
CA GLU B 237 16.30 -10.90 -9.23
C GLU B 237 15.51 -10.02 -8.27
N GLY B 238 15.97 -9.95 -7.02
CA GLY B 238 15.28 -9.15 -6.02
C GLY B 238 14.48 -10.04 -5.07
N CYS B 239 13.34 -10.53 -5.57
CA CYS B 239 12.45 -11.41 -4.83
C CYS B 239 13.15 -12.13 -3.69
N PRO B 240 12.79 -11.80 -2.43
CA PRO B 240 13.35 -12.40 -1.22
C PRO B 240 13.27 -13.93 -1.13
N GLU B 241 14.32 -14.53 -0.58
CA GLU B 241 14.41 -15.99 -0.44
C GLU B 241 13.15 -16.66 0.08
N LYS B 242 12.70 -16.22 1.25
CA LYS B 242 11.51 -16.79 1.85
C LYS B 242 10.33 -16.81 0.90
N VAL B 243 10.15 -15.74 0.11
CA VAL B 243 9.03 -15.70 -0.84
C VAL B 243 9.24 -16.65 -2.01
N TYR B 244 10.48 -16.73 -2.49
CA TYR B 244 10.74 -17.63 -3.59
C TYR B 244 10.32 -19.02 -3.14
N GLU B 245 10.66 -19.36 -1.91
CA GLU B 245 10.33 -20.67 -1.37
C GLU B 245 8.85 -20.94 -1.44
N LEU B 246 8.05 -19.97 -1.00
CA LEU B 246 6.60 -20.10 -0.99
C LEU B 246 6.10 -20.41 -2.41
N MET B 247 6.83 -19.90 -3.40
CA MET B 247 6.52 -20.12 -4.82
C MET B 247 6.70 -21.60 -5.14
N ARG B 248 7.96 -22.02 -5.03
CA ARG B 248 8.34 -23.40 -5.26
C ARG B 248 7.31 -24.31 -4.60
N ALA B 249 6.91 -23.92 -3.41
CA ALA B 249 5.92 -24.66 -2.62
C ALA B 249 4.60 -24.87 -3.36
N CYS B 250 4.12 -23.84 -4.01
CA CYS B 250 2.86 -23.93 -4.74
C CYS B 250 3.00 -24.80 -5.98
N TRP B 251 4.24 -25.08 -6.37
CA TRP B 251 4.51 -25.87 -7.56
C TRP B 251 5.00 -27.26 -7.26
N GLN B 252 4.20 -28.00 -6.50
CA GLN B 252 4.54 -29.37 -6.16
C GLN B 252 3.76 -30.24 -7.11
N TRP B 253 4.43 -31.21 -7.72
CA TRP B 253 3.78 -32.10 -8.66
C TRP B 253 2.49 -32.67 -8.06
N ASN B 254 2.56 -32.98 -6.77
CA ASN B 254 1.46 -33.57 -5.98
C ASN B 254 0.56 -32.52 -5.31
N PRO B 255 -0.66 -32.31 -5.83
CA PRO B 255 -1.55 -31.31 -5.22
C PRO B 255 -1.66 -31.30 -3.70
N SER B 256 -1.65 -32.48 -3.09
CA SER B 256 -1.76 -32.57 -1.64
C SER B 256 -0.43 -32.25 -0.95
N ASP B 257 0.57 -31.89 -1.75
CA ASP B 257 1.89 -31.53 -1.24
C ASP B 257 1.98 -30.00 -1.23
N ARG B 258 1.04 -29.36 -1.90
CA ARG B 258 0.99 -27.91 -2.00
C ARG B 258 0.23 -27.29 -0.85
N PRO B 259 0.80 -26.25 -0.22
CA PRO B 259 0.19 -25.53 0.90
C PRO B 259 -1.12 -24.86 0.50
N SER B 260 -2.02 -24.63 1.46
CA SER B 260 -3.32 -24.01 1.17
C SER B 260 -3.28 -22.49 1.31
N PHE B 261 -4.25 -21.83 0.70
CA PHE B 261 -4.30 -20.38 0.78
C PHE B 261 -4.26 -19.93 2.24
N ALA B 262 -4.74 -20.77 3.14
CA ALA B 262 -4.77 -20.44 4.56
C ALA B 262 -3.38 -20.44 5.15
N GLU B 263 -2.58 -21.43 4.77
CA GLU B 263 -1.21 -21.55 5.25
C GLU B 263 -0.33 -20.44 4.69
N ILE B 264 -0.63 -20.05 3.45
CA ILE B 264 0.12 -19.01 2.75
C ILE B 264 -0.10 -17.68 3.45
N HIS B 265 -1.36 -17.24 3.50
CA HIS B 265 -1.72 -15.98 4.13
C HIS B 265 -1.13 -15.92 5.54
N GLN B 266 -0.86 -17.09 6.10
CA GLN B 266 -0.29 -17.19 7.43
C GLN B 266 1.12 -16.61 7.40
N ALA B 267 1.93 -17.08 6.45
CA ALA B 267 3.31 -16.63 6.31
C ALA B 267 3.43 -15.15 5.95
N PHE B 268 2.55 -14.67 5.07
CA PHE B 268 2.60 -13.27 4.71
C PHE B 268 2.30 -12.38 5.91
N GLU B 269 1.29 -12.77 6.69
CA GLU B 269 0.87 -12.01 7.89
C GLU B 269 1.95 -11.91 8.95
N THR B 270 2.97 -12.75 8.86
CA THR B 270 4.04 -12.73 9.85
C THR B 270 5.43 -12.55 9.25
N MET B 271 5.51 -11.96 8.07
CA MET B 271 6.81 -11.75 7.44
C MET B 271 7.62 -13.04 7.36
N PHE B 272 6.93 -14.14 7.09
CA PHE B 272 7.59 -15.44 6.99
C PHE B 272 8.37 -15.68 8.27
N GLN B 273 7.83 -15.11 9.35
CA GLN B 273 8.41 -15.22 10.67
C GLN B 273 7.33 -15.84 11.54
N GLU B 274 7.50 -17.11 11.87
CA GLU B 274 6.54 -17.86 12.68
C GLU B 274 5.33 -18.30 11.84
N SER B 275 5.59 -19.16 10.87
CA SER B 275 4.58 -19.68 9.97
C SER B 275 5.16 -20.77 9.06
N GLU C 3 0.17 11.39 28.48
CA GLU C 3 1.23 12.08 29.26
C GLU C 3 1.68 13.37 28.57
N GLU C 4 2.77 13.96 29.07
CA GLU C 4 3.34 15.19 28.50
C GLU C 4 4.49 14.86 27.56
N ILE C 5 4.46 15.45 26.38
CA ILE C 5 5.47 15.23 25.36
C ILE C 5 6.65 16.19 25.43
N PHE C 6 6.35 17.45 25.18
CA PHE C 6 7.34 18.51 25.15
C PHE C 6 7.90 18.86 26.53
N GLY C 7 9.03 19.55 26.56
CA GLY C 7 9.67 19.92 27.81
C GLY C 7 11.11 20.28 27.53
N GLU C 8 11.73 21.06 28.42
CA GLU C 8 13.13 21.46 28.22
C GLU C 8 14.09 20.56 29.01
N PHE C 9 15.36 20.52 28.60
CA PHE C 9 16.36 19.69 29.28
C PHE C 9 17.31 20.48 30.16
N GLU C 10 17.69 19.88 31.29
CA GLU C 10 18.60 20.48 32.24
C GLU C 10 19.45 19.40 32.92
N GLU D 3 2.52 -13.46 -27.07
CA GLU D 3 2.36 -14.84 -27.62
C GLU D 3 1.06 -15.44 -27.12
N GLU D 4 0.74 -16.64 -27.60
CA GLU D 4 -0.47 -17.33 -27.19
C GLU D 4 -0.32 -17.77 -25.73
N ILE D 5 -1.45 -17.84 -25.04
CA ILE D 5 -1.50 -18.23 -23.63
C ILE D 5 -2.24 -19.54 -23.46
N PHE D 6 -3.31 -19.68 -24.23
CA PHE D 6 -4.20 -20.84 -24.19
C PHE D 6 -3.86 -21.95 -25.19
N GLY D 7 -4.40 -23.14 -24.93
CA GLY D 7 -4.16 -24.29 -25.78
C GLY D 7 -4.77 -25.57 -25.24
N GLU D 8 -4.63 -26.65 -25.99
CA GLU D 8 -5.16 -27.95 -25.58
C GLU D 8 -3.95 -28.80 -25.17
N PHE D 9 -4.18 -29.92 -24.50
CA PHE D 9 -3.05 -30.75 -24.10
C PHE D 9 -2.95 -32.04 -24.91
PB ADP E . -1.38 17.92 17.18
O1B ADP E . -1.02 17.27 15.89
O2B ADP E . -0.30 17.49 18.29
O3B ADP E . -2.85 17.44 17.65
PA ADP E . -2.44 20.13 15.94
O1A ADP E . -3.44 20.98 16.65
O2A ADP E . -1.69 21.03 14.81
O3A ADP E . -1.37 19.56 17.04
O5' ADP E . -3.24 18.91 15.25
C5' ADP E . -3.71 19.33 13.95
C4' ADP E . -4.57 18.22 13.29
O4' ADP E . -4.71 18.52 11.89
C3' ADP E . -3.90 16.82 13.36
O3' ADP E . -4.56 16.01 14.34
C2' ADP E . -4.04 16.22 11.97
O2' ADP E . -4.76 14.98 12.01
C1' ADP E . -4.77 17.27 11.16
N9 ADP E . -4.16 17.44 9.84
C8 ADP E . -3.10 18.24 9.50
N7 ADP E . -2.84 18.14 8.23
C5 ADP E . -3.71 17.27 7.67
C6 ADP E . -3.92 16.78 6.36
N6 ADP E . -3.11 17.19 5.31
N1 ADP E . -4.93 15.89 6.15
C2 ADP E . -5.72 15.48 7.16
N3 ADP E . -5.55 15.93 8.40
C4 ADP E . -4.58 16.82 8.70
PB ADP F . -8.74 -10.10 -21.74
O1B ADP F . -8.25 -9.54 -20.45
O2B ADP F . -7.99 -11.52 -21.97
O3B ADP F . -8.40 -9.07 -22.95
PA ADP F . -11.25 -9.05 -21.52
O1A ADP F . -12.10 -8.88 -22.71
O2A ADP F . -12.23 -9.21 -20.22
O3A ADP F . -10.33 -10.39 -21.71
O5' ADP F . -10.32 -7.74 -21.38
C5' ADP F . -10.31 -7.34 -20.02
C4' ADP F . -9.81 -5.92 -19.86
O4' ADP F . -10.91 -5.11 -19.34
C3' ADP F . -8.66 -5.88 -18.82
O3' ADP F . -7.45 -5.46 -19.42
C2' ADP F . -9.12 -4.95 -17.71
O2' ADP F . -8.21 -3.86 -17.51
C1' ADP F . -10.52 -4.46 -18.11
N9 ADP F . -11.45 -4.73 -17.00
C8 ADP F . -12.13 -5.89 -16.74
N7 ADP F . -12.85 -5.76 -15.67
C5 ADP F . -12.69 -4.52 -15.16
C6 ADP F . -13.19 -3.81 -14.03
N6 ADP F . -14.09 -4.42 -13.15
N1 ADP F . -12.80 -2.54 -13.81
C2 ADP F . -11.94 -1.93 -14.65
N3 ADP F . -11.44 -2.56 -15.71
C4 ADP F . -11.78 -3.84 -16.00
#